data_7E63
#
_entry.id   7E63
#
_cell.length_a   56.872
_cell.length_b   90.734
_cell.length_c   100.946
_cell.angle_alpha   90.000
_cell.angle_beta   90.000
_cell.angle_gamma   90.000
#
_symmetry.space_group_name_H-M   'P 21 21 21'
#
loop_
_entity.id
_entity.type
_entity.pdbx_description
1 polymer 'Peptidase M23'
2 non-polymer 'ZINC ION'
3 non-polymer '2-[[(3S)-3-acetamido-4-[[(2R)-1-(oxidanylamino)-1-oxidanylidene-propan-2-yl]amino]-4-oxidanylidene-butyl]-(cyclopentylmethyl)amino]ethanoic acid'
4 water water
#
_entity_poly.entity_id   1
_entity_poly.type   'polypeptide(L)'
_entity_poly.pdbx_seq_one_letter_code
;MELIKGQALFLELDKKDFLSLKNNDKNIPTFAHPKNQEKILAIFSLPYKNPPQNTKLIAFYKDKKEEIFIKTLEGNYKSE
KLQVENKKIFPPKTIQERIAKELKEANAIYSSYTPKALFNGAFNIPLNSFITSDFGKARTFNEKVASYHSGTDFRAATGT
PIYAANSGVVKIAKDRYFAGNSVVIDHGFGIYSQYYHLSKIDVKVGQKIKKGELIGLSGASGRVSGPALHFGILAGGKQV
DPLDFVSKFNAIFQL
;
_entity_poly.pdbx_strand_id   A,B
#
loop_
_chem_comp.id
_chem_comp.type
_chem_comp.name
_chem_comp.formula
HY9 non-polymer '2-[[(3S)-3-acetamido-4-[[(2R)-1-(oxidanylamino)-1-oxidanylidene-propan-2-yl]amino]-4-oxidanylidene-butyl]-(cyclopentylmethyl)amino]ethanoic acid' 'C17 H30 N4 O6'
ZN non-polymer 'ZINC ION' 'Zn 2'
#
# COMPACT_ATOMS: atom_id res chain seq x y z
N MET A 1 -9.69 10.82 20.16
CA MET A 1 -9.23 10.02 18.99
C MET A 1 -9.70 8.58 19.10
N GLU A 2 -9.71 7.89 17.98
CA GLU A 2 -10.04 6.47 17.96
C GLU A 2 -8.92 5.69 17.31
N LEU A 3 -8.61 4.51 17.82
CA LEU A 3 -7.58 3.67 17.21
C LEU A 3 -7.98 2.22 17.31
N ILE A 4 -7.83 1.48 16.22
CA ILE A 4 -8.06 0.04 16.27
C ILE A 4 -6.91 -0.73 16.94
N LYS A 5 -7.25 -1.65 17.83
CA LYS A 5 -6.25 -2.53 18.40
C LYS A 5 -5.33 -3.14 17.35
N GLY A 6 -4.05 -3.21 17.71
CA GLY A 6 -3.06 -3.75 16.80
C GLY A 6 -2.64 -2.78 15.72
N GLN A 7 -3.03 -1.52 15.87
CA GLN A 7 -2.59 -0.47 14.98
C GLN A 7 -1.75 0.55 15.70
N ALA A 8 -0.94 1.23 14.89
CA ALA A 8 -0.09 2.32 15.27
C ALA A 8 -0.73 3.59 14.79
N LEU A 9 -0.41 4.65 15.51
CA LEU A 9 -0.90 5.97 15.20
C LEU A 9 0.24 6.97 15.38
N PHE A 10 0.39 7.91 14.44
CA PHE A 10 1.39 8.99 14.55
C PHE A 10 0.80 10.22 15.19
N LEU A 11 1.19 10.50 16.43
CA LEU A 11 0.77 11.72 17.13
C LEU A 11 1.63 12.93 16.76
N GLU A 12 1.01 14.07 16.44
CA GLU A 12 1.74 15.27 16.16
C GLU A 12 1.66 16.20 17.37
N LEU A 13 2.80 16.78 17.76
CA LEU A 13 2.84 17.70 18.88
C LEU A 13 3.70 18.93 18.59
N ASP A 14 3.35 20.06 19.23
CA ASP A 14 4.21 21.27 19.21
C ASP A 14 5.60 20.95 19.75
N LYS A 15 6.62 21.33 18.98
CA LYS A 15 8.02 21.10 19.37
C LYS A 15 8.42 21.95 20.57
N LYS A 16 8.27 23.26 20.43
CA LYS A 16 8.77 24.21 21.43
C LYS A 16 8.08 24.09 22.78
N ASP A 17 8.88 24.25 23.83
CA ASP A 17 8.47 24.07 25.24
C ASP A 17 8.02 22.68 25.65
N PHE A 18 8.10 21.71 24.74
CA PHE A 18 7.76 20.34 25.08
C PHE A 18 8.82 19.76 26.03
N LEU A 19 8.37 19.15 27.12
CA LEU A 19 9.31 18.48 28.01
C LEU A 19 9.15 16.96 28.00
N SER A 20 7.94 16.47 27.77
CA SER A 20 7.64 15.08 28.05
C SER A 20 6.24 14.69 27.57
N LEU A 21 6.10 13.44 27.10
CA LEU A 21 4.81 12.87 26.75
C LEU A 21 4.68 11.55 27.47
N LYS A 22 3.65 11.35 28.28
CA LYS A 22 3.54 10.14 29.10
C LYS A 22 2.20 9.42 29.01
N ASN A 23 2.26 8.11 29.19
CA ASN A 23 1.09 7.27 29.39
C ASN A 23 1.24 6.66 30.76
N ASN A 24 0.46 7.18 31.69
CA ASN A 24 0.71 6.97 33.09
C ASN A 24 2.17 7.21 33.43
N ASP A 25 2.86 6.17 33.86
CA ASP A 25 4.26 6.27 34.23
C ASP A 25 5.18 6.31 32.99
N LYS A 26 4.90 5.51 31.97
CA LYS A 26 5.89 5.34 30.90
C LYS A 26 5.94 6.56 29.97
N ASN A 27 7.17 6.94 29.61
CA ASN A 27 7.46 8.04 28.70
C ASN A 27 7.40 7.52 27.28
N ILE A 28 6.84 8.29 26.37
CA ILE A 28 6.77 7.85 24.99
C ILE A 28 7.79 8.69 24.25
N PRO A 29 8.75 8.06 23.54
CA PRO A 29 9.69 8.92 22.85
C PRO A 29 9.06 9.77 21.75
N THR A 30 9.82 10.78 21.32
CA THR A 30 9.37 11.69 20.32
C THR A 30 10.52 11.87 19.33
N PHE A 31 10.19 12.12 18.08
CA PHE A 31 11.18 12.45 17.04
C PHE A 31 10.69 13.65 16.24
N ALA A 32 11.60 14.23 15.50
CA ALA A 32 11.27 15.43 14.72
C ALA A 32 10.28 15.15 13.60
N HIS A 33 9.39 16.10 13.32
CA HIS A 33 8.57 16.04 12.12
C HIS A 33 9.48 16.36 10.94
N PRO A 34 9.48 15.52 9.88
CA PRO A 34 10.45 15.62 8.80
C PRO A 34 10.27 16.83 7.86
N LYS A 35 9.07 17.38 7.81
CA LYS A 35 8.80 18.51 6.94
C LYS A 35 8.61 19.77 7.79
N ASN A 36 7.63 19.76 8.69
CA ASN A 36 7.38 20.89 9.56
C ASN A 36 8.32 21.03 10.79
N GLN A 37 9.34 21.89 10.65
CA GLN A 37 10.32 22.13 11.73
C GLN A 37 9.73 22.55 13.07
N GLU A 38 8.54 23.12 13.07
CA GLU A 38 7.87 23.49 14.34
C GLU A 38 7.14 22.36 15.10
N LYS A 39 7.23 21.12 14.60
CA LYS A 39 6.46 19.99 15.14
C LYS A 39 7.33 18.80 15.50
N ILE A 40 6.86 18.00 16.46
CA ILE A 40 7.39 16.64 16.74
C ILE A 40 6.34 15.58 16.58
N LEU A 41 6.79 14.33 16.51
CA LEU A 41 5.91 13.19 16.33
C LEU A 41 6.16 12.19 17.43
N ALA A 42 5.17 11.35 17.70
CA ALA A 42 5.36 10.18 18.53
C ALA A 42 4.56 9.10 17.89
N ILE A 43 4.91 7.85 18.17
CA ILE A 43 4.08 6.69 17.73
C ILE A 43 3.39 6.06 18.95
N PHE A 44 2.06 5.87 18.86
CA PHE A 44 1.29 5.18 19.90
C PHE A 44 0.67 3.94 19.28
N SER A 45 0.85 2.80 19.96
CA SER A 45 0.37 1.50 19.47
C SER A 45 -0.50 0.84 20.50
N LEU A 46 -1.63 0.32 20.06
CA LEU A 46 -2.41 -0.56 20.92
C LEU A 46 -2.05 -2.06 20.71
N PRO A 47 -1.93 -2.82 21.79
CA PRO A 47 -1.76 -4.26 21.58
C PRO A 47 -3.05 -4.86 21.05
N TYR A 48 -2.91 -5.97 20.33
CA TYR A 48 -4.05 -6.70 19.79
C TYR A 48 -4.76 -7.42 20.94
N LYS A 49 -3.96 -8.13 21.72
CA LYS A 49 -4.41 -8.81 22.93
C LYS A 49 -4.50 -7.90 24.16
N ASN A 50 -5.68 -7.89 24.79
CA ASN A 50 -5.89 -7.17 26.06
C ASN A 50 -5.55 -5.70 25.96
N PRO A 51 -6.15 -4.99 25.00
CA PRO A 51 -6.00 -3.54 25.04
C PRO A 51 -6.88 -2.98 26.15
N PRO A 52 -6.56 -1.78 26.66
CA PRO A 52 -7.53 -1.16 27.55
C PRO A 52 -8.63 -0.54 26.70
N GLN A 53 -9.79 -0.25 27.29
CA GLN A 53 -10.88 0.36 26.51
C GLN A 53 -10.42 1.73 26.06
N ASN A 54 -9.69 2.42 26.94
CA ASN A 54 -9.33 3.81 26.73
C ASN A 54 -7.91 4.13 27.19
N THR A 55 -7.31 5.12 26.53
CA THR A 55 -5.98 5.63 26.89
C THR A 55 -5.99 7.15 27.00
N LYS A 56 -5.33 7.67 28.04
CA LYS A 56 -5.14 9.10 28.19
C LYS A 56 -3.66 9.43 28.28
N LEU A 57 -3.17 10.22 27.34
CA LEU A 57 -1.78 10.67 27.38
C LEU A 57 -1.72 12.14 27.79
N ILE A 58 -0.75 12.48 28.63
CA ILE A 58 -0.47 13.90 28.90
C ILE A 58 0.84 14.31 28.23
N ALA A 59 0.78 15.36 27.43
CA ALA A 59 1.98 16.01 26.94
C ALA A 59 2.30 17.21 27.85
N PHE A 60 3.37 17.07 28.63
CA PHE A 60 3.83 18.11 29.54
C PHE A 60 4.69 19.11 28.84
N TYR A 61 4.28 20.37 28.89
CA TYR A 61 5.09 21.51 28.45
C TYR A 61 5.51 22.37 29.66
N LYS A 62 6.36 23.37 29.41
CA LYS A 62 6.91 24.21 30.48
C LYS A 62 5.80 24.84 31.31
N ASP A 63 4.74 25.25 30.62
CA ASP A 63 3.68 26.06 31.20
C ASP A 63 2.28 25.44 31.11
N LYS A 64 2.17 24.18 30.67
CA LYS A 64 0.86 23.53 30.57
C LYS A 64 0.94 22.05 30.32
N LYS A 65 -0.09 21.36 30.75
CA LYS A 65 -0.32 19.97 30.40
C LYS A 65 -1.30 19.95 29.23
N GLU A 66 -1.31 18.87 28.44
CA GLU A 66 -2.27 18.70 27.35
C GLU A 66 -2.67 17.23 27.22
N GLU A 67 -3.98 17.00 27.23
CA GLU A 67 -4.49 15.64 27.31
C GLU A 67 -4.79 15.15 25.93
N ILE A 68 -4.52 13.87 25.71
CA ILE A 68 -4.88 13.23 24.49
C ILE A 68 -5.58 11.95 24.89
N PHE A 69 -6.84 11.85 24.44
CA PHE A 69 -7.68 10.71 24.72
C PHE A 69 -7.72 9.84 23.47
N ILE A 70 -7.59 8.55 23.65
CA ILE A 70 -7.61 7.60 22.55
C ILE A 70 -8.44 6.41 22.99
N LYS A 71 -9.52 6.16 22.25
CA LYS A 71 -10.46 5.10 22.55
C LYS A 71 -10.15 3.92 21.65
N THR A 72 -10.02 2.74 22.24
CA THR A 72 -9.73 1.50 21.50
C THR A 72 -10.96 0.99 20.75
N LEU A 73 -10.82 0.74 19.44
CA LEU A 73 -11.85 0.07 18.64
C LEU A 73 -11.50 -1.42 18.44
N GLU A 74 -12.50 -2.29 18.34
CA GLU A 74 -12.22 -3.71 18.12
C GLU A 74 -11.86 -4.02 16.67
N GLY A 75 -12.19 -3.13 15.76
CA GLY A 75 -11.86 -3.36 14.36
C GLY A 75 -12.57 -4.57 13.83
N ASN A 76 -12.15 -5.05 12.66
CA ASN A 76 -12.95 -6.02 11.92
C ASN A 76 -12.26 -7.34 11.61
N TYR A 77 -11.44 -7.82 12.54
CA TYR A 77 -10.52 -8.92 12.25
C TYR A 77 -11.22 -10.27 12.02
N LYS A 78 -10.59 -11.15 11.25
CA LYS A 78 -11.02 -12.55 11.11
C LYS A 78 -10.66 -13.36 12.38
N SER A 79 -11.44 -14.42 12.68
CA SER A 79 -11.41 -15.03 14.00
C SER A 79 -12.14 -16.36 14.02
N GLU A 80 -11.39 -17.43 14.31
CA GLU A 80 -11.93 -18.78 14.36
C GLU A 80 -11.85 -19.34 15.80
N LYS A 81 -13.00 -19.70 16.38
CA LYS A 81 -13.03 -20.32 17.71
C LYS A 81 -12.19 -21.59 17.72
N LEU A 82 -11.54 -21.86 18.84
CA LEU A 82 -10.58 -22.94 18.95
C LEU A 82 -11.18 -24.15 19.68
N GLN A 83 -11.17 -25.32 19.02
CA GLN A 83 -11.47 -26.61 19.67
C GLN A 83 -10.41 -26.87 20.74
N VAL A 84 -10.84 -27.25 21.94
CA VAL A 84 -9.93 -27.59 23.02
C VAL A 84 -10.07 -29.04 23.43
N GLU A 85 -9.48 -29.93 22.63
CA GLU A 85 -9.31 -31.33 23.00
C GLU A 85 -8.34 -31.42 24.20
N ASN A 86 -7.53 -30.39 24.40
CA ASN A 86 -6.82 -30.13 25.66
C ASN A 86 -5.74 -29.04 25.50
N LYS A 87 -6.06 -27.80 25.89
CA LYS A 87 -5.07 -26.75 25.99
C LYS A 87 -4.25 -26.96 27.27
N LYS A 88 -3.41 -28.00 27.28
CA LYS A 88 -2.82 -28.57 28.51
C LYS A 88 -1.28 -28.69 28.51
N ILE A 89 -0.76 -29.64 27.72
CA ILE A 89 0.66 -30.01 27.78
C ILE A 89 1.56 -29.14 26.85
N PHE A 90 2.88 -29.22 27.07
CA PHE A 90 3.86 -28.31 26.44
C PHE A 90 4.86 -29.08 25.55
N PRO A 91 5.90 -28.39 25.01
CA PRO A 91 7.06 -29.05 24.42
C PRO A 91 8.24 -29.16 25.42
N PRO A 92 9.27 -30.02 25.16
CA PRO A 92 10.42 -30.37 26.03
C PRO A 92 11.05 -29.25 26.89
N LYS A 93 12.21 -29.52 27.50
CA LYS A 93 12.82 -28.64 28.50
C LYS A 93 13.99 -27.75 27.99
N THR A 94 14.97 -28.32 27.30
CA THR A 94 15.93 -27.47 26.61
C THR A 94 15.28 -26.78 25.44
N ILE A 95 14.18 -27.30 24.90
CA ILE A 95 13.45 -26.57 23.86
C ILE A 95 12.71 -25.35 24.38
N GLN A 96 11.98 -25.53 25.49
CA GLN A 96 11.43 -24.41 26.26
C GLN A 96 12.52 -23.40 26.65
N GLU A 97 13.72 -23.90 26.94
CA GLU A 97 14.85 -23.01 27.21
C GLU A 97 15.21 -22.24 25.94
N ARG A 98 15.18 -22.93 24.80
CA ARG A 98 15.39 -22.27 23.51
C ARG A 98 14.38 -21.18 23.34
N ILE A 99 13.12 -21.53 23.50
CA ILE A 99 12.04 -20.55 23.33
C ILE A 99 12.24 -19.36 24.23
N ALA A 100 12.45 -19.63 25.50
CA ALA A 100 12.63 -18.58 26.48
C ALA A 100 13.84 -17.68 26.19
N LYS A 101 14.95 -18.30 25.82
CA LYS A 101 16.14 -17.52 25.49
C LYS A 101 15.94 -16.61 24.26
N GLU A 102 15.30 -17.13 23.21
CA GLU A 102 15.06 -16.32 22.02
C GLU A 102 14.07 -15.18 22.31
N LEU A 103 13.01 -15.48 23.06
CA LEU A 103 12.04 -14.46 23.47
C LEU A 103 12.71 -13.33 24.27
N LYS A 104 13.58 -13.73 25.20
CA LYS A 104 14.40 -12.81 25.98
C LYS A 104 15.31 -11.95 25.09
N GLU A 105 16.00 -12.57 24.14
CA GLU A 105 16.81 -11.81 23.17
C GLU A 105 16.02 -10.81 22.34
N ALA A 106 14.85 -11.23 21.84
CA ALA A 106 14.00 -10.36 20.99
C ALA A 106 13.48 -9.17 21.77
N ASN A 107 12.99 -9.38 22.99
CA ASN A 107 12.51 -8.29 23.85
C ASN A 107 13.58 -7.23 24.17
N ALA A 108 14.80 -7.69 24.43
CA ALA A 108 15.91 -6.78 24.56
C ALA A 108 15.97 -5.84 23.35
N ILE A 109 15.90 -6.43 22.15
CA ILE A 109 16.02 -5.66 20.91
C ILE A 109 14.84 -4.74 20.76
N TYR A 110 13.64 -5.25 20.99
CA TYR A 110 12.46 -4.46 20.73
C TYR A 110 12.23 -3.36 21.77
N SER A 111 12.94 -3.49 22.90
CA SER A 111 12.86 -2.55 24.01
C SER A 111 13.83 -1.41 23.78
N SER A 112 14.97 -1.70 23.17
CA SER A 112 15.85 -0.65 22.68
C SER A 112 15.11 0.43 21.91
N TYR A 113 15.78 1.54 21.83
CA TYR A 113 15.25 2.65 21.12
C TYR A 113 16.45 3.42 20.62
N THR A 114 16.65 3.32 19.32
CA THR A 114 17.67 4.08 18.65
C THR A 114 17.11 5.45 18.33
N PRO A 115 17.69 6.51 18.92
CA PRO A 115 17.10 7.86 18.83
C PRO A 115 17.42 8.69 17.57
N LYS A 116 17.51 8.04 16.41
CA LYS A 116 17.74 8.71 15.13
C LYS A 116 17.18 7.85 13.99
N ALA A 117 16.95 8.43 12.82
CA ALA A 117 16.38 7.68 11.73
C ALA A 117 17.45 6.91 11.00
N LEU A 118 17.19 5.63 10.80
CA LEU A 118 18.10 4.78 10.00
C LEU A 118 17.55 4.46 8.63
N PHE A 119 16.27 4.73 8.45
CA PHE A 119 15.55 4.55 7.19
C PHE A 119 15.89 5.63 6.17
N ASN A 120 15.39 5.46 4.95
CA ASN A 120 15.61 6.40 3.90
C ASN A 120 14.36 6.58 3.13
N GLY A 121 13.49 7.43 3.64
CA GLY A 121 12.22 7.73 2.99
C GLY A 121 11.15 6.71 3.29
N ALA A 122 10.35 6.40 2.27
CA ALA A 122 9.22 5.56 2.44
C ALA A 122 9.64 4.11 2.47
N PHE A 123 8.83 3.30 3.15
CA PHE A 123 8.94 1.83 3.12
C PHE A 123 8.42 1.26 1.82
N ASN A 124 9.11 0.24 1.29
CA ASN A 124 8.53 -0.65 0.29
C ASN A 124 8.08 -1.95 0.90
N ILE A 125 7.17 -2.62 0.21
CA ILE A 125 6.84 -3.98 0.56
C ILE A 125 8.02 -4.81 0.15
N PRO A 126 8.31 -5.86 0.93
CA PRO A 126 9.55 -6.62 0.71
C PRO A 126 9.55 -7.47 -0.55
N LEU A 127 8.38 -7.71 -1.12
CA LEU A 127 8.33 -8.30 -2.45
C LEU A 127 6.99 -8.08 -3.12
N ASN A 128 6.96 -8.24 -4.45
CA ASN A 128 5.86 -7.80 -5.27
C ASN A 128 4.77 -8.84 -5.49
N SER A 129 4.28 -9.45 -4.43
CA SER A 129 3.28 -10.51 -4.56
C SER A 129 1.99 -10.09 -3.88
N PHE A 130 1.20 -11.04 -3.40
CA PHE A 130 -0.11 -10.78 -2.84
C PHE A 130 -0.23 -11.41 -1.45
N ILE A 131 -1.18 -10.92 -0.67
CA ILE A 131 -1.39 -11.41 0.68
C ILE A 131 -2.20 -12.70 0.62
N THR A 132 -1.70 -13.72 1.29
CA THR A 132 -2.45 -14.97 1.44
C THR A 132 -2.93 -15.18 2.86
N SER A 133 -2.51 -14.35 3.82
CA SER A 133 -3.06 -14.42 5.18
C SER A 133 -2.79 -13.14 5.97
N ASP A 134 -3.88 -12.47 6.31
CA ASP A 134 -3.81 -11.12 6.79
C ASP A 134 -3.33 -11.05 8.22
N PHE A 135 -2.95 -9.86 8.61
CA PHE A 135 -2.69 -9.53 10.00
C PHE A 135 -3.98 -9.57 10.83
N GLY A 136 -3.90 -10.15 12.01
CA GLY A 136 -4.97 -10.02 12.98
C GLY A 136 -6.02 -11.09 12.95
N LYS A 137 -5.81 -12.11 12.12
CA LYS A 137 -6.58 -13.35 12.13
C LYS A 137 -6.32 -14.06 13.47
N ALA A 138 -7.35 -14.17 14.31
CA ALA A 138 -7.15 -14.61 15.68
C ALA A 138 -7.64 -16.02 15.90
N ARG A 139 -7.19 -16.64 16.99
CA ARG A 139 -7.77 -17.89 17.48
C ARG A 139 -8.24 -17.71 18.92
N THR A 140 -9.55 -17.88 19.11
CA THR A 140 -10.24 -17.51 20.35
C THR A 140 -10.82 -18.71 21.13
N PHE A 141 -9.95 -19.29 21.96
CA PHE A 141 -10.31 -20.38 22.87
C PHE A 141 -11.22 -19.81 23.96
N ASN A 142 -12.48 -20.28 23.98
CA ASN A 142 -13.52 -19.65 24.78
C ASN A 142 -13.54 -18.15 24.54
N GLU A 143 -13.39 -17.34 25.59
CA GLU A 143 -13.68 -15.91 25.45
C GLU A 143 -12.46 -14.97 25.33
N LYS A 144 -11.26 -15.44 25.67
CA LYS A 144 -10.04 -14.64 25.46
C LYS A 144 -9.45 -14.92 24.06
N VAL A 145 -8.45 -14.12 23.66
CA VAL A 145 -7.76 -14.33 22.40
C VAL A 145 -6.50 -15.14 22.70
N ALA A 146 -6.52 -16.42 22.30
CA ALA A 146 -5.41 -17.32 22.59
C ALA A 146 -4.15 -16.83 21.91
N SER A 147 -4.23 -16.67 20.59
CA SER A 147 -3.15 -16.14 19.79
C SER A 147 -3.73 -15.47 18.58
N TYR A 148 -2.92 -14.67 17.92
CA TYR A 148 -3.33 -14.03 16.69
C TYR A 148 -2.13 -14.05 15.77
N HIS A 149 -2.35 -13.81 14.48
CA HIS A 149 -1.27 -13.66 13.50
C HIS A 149 -0.67 -12.28 13.60
N SER A 150 0.60 -12.22 14.03
CA SER A 150 1.29 -10.96 14.36
C SER A 150 2.00 -10.21 13.19
N GLY A 151 1.75 -10.64 11.95
CA GLY A 151 2.28 -9.99 10.73
C GLY A 151 1.41 -10.37 9.53
N THR A 152 1.94 -10.23 8.33
CA THR A 152 1.19 -10.54 7.12
C THR A 152 2.01 -11.46 6.24
N ASP A 153 1.35 -12.44 5.66
CA ASP A 153 2.04 -13.38 4.80
C ASP A 153 1.72 -13.13 3.35
N PHE A 154 2.79 -13.14 2.56
CA PHE A 154 2.76 -13.00 1.14
C PHE A 154 3.06 -14.36 0.53
N ARG A 155 2.34 -14.66 -0.55
CA ARG A 155 2.64 -15.74 -1.43
C ARG A 155 4.09 -15.67 -1.85
N ALA A 156 4.80 -16.78 -1.64
CA ALA A 156 6.15 -16.93 -2.12
C ALA A 156 6.46 -18.41 -2.15
N ALA A 157 6.99 -18.83 -3.27
CA ALA A 157 7.56 -20.13 -3.45
C ALA A 157 8.93 -20.09 -2.79
N THR A 158 9.42 -21.24 -2.38
CA THR A 158 10.71 -21.31 -1.73
C THR A 158 11.74 -20.77 -2.71
N GLY A 159 12.59 -19.86 -2.24
CA GLY A 159 13.63 -19.28 -3.07
C GLY A 159 13.36 -17.88 -3.55
N THR A 160 12.21 -17.31 -3.18
CA THR A 160 11.86 -15.96 -3.69
C THR A 160 12.71 -14.87 -3.02
N PRO A 161 13.42 -14.05 -3.82
CA PRO A 161 14.28 -13.01 -3.25
C PRO A 161 13.48 -12.05 -2.41
N ILE A 162 13.98 -11.71 -1.22
CA ILE A 162 13.29 -10.81 -0.31
C ILE A 162 14.13 -9.56 -0.03
N TYR A 163 13.53 -8.40 -0.23
CA TYR A 163 14.28 -7.16 -0.15
C TYR A 163 13.87 -6.40 1.10
N ALA A 164 14.86 -5.73 1.69
CA ALA A 164 14.70 -4.90 2.85
C ALA A 164 13.65 -3.84 2.57
N ALA A 165 12.72 -3.67 3.49
CA ALA A 165 11.63 -2.73 3.29
C ALA A 165 12.05 -1.26 3.50
N ASN A 166 13.07 -1.04 4.33
CA ASN A 166 13.67 0.27 4.43
C ASN A 166 15.10 0.10 4.88
N SER A 167 15.88 1.17 4.86
CA SER A 167 17.26 1.11 5.31
C SER A 167 17.30 0.89 6.82
N GLY A 168 18.37 0.28 7.32
CA GLY A 168 18.46 0.05 8.76
C GLY A 168 19.68 -0.72 9.21
N VAL A 169 19.69 -1.11 10.48
CA VAL A 169 20.71 -1.98 10.99
C VAL A 169 20.06 -3.31 11.38
N VAL A 170 20.68 -4.39 10.93
CA VAL A 170 20.21 -5.73 11.18
C VAL A 170 20.42 -6.09 12.64
N LYS A 171 19.37 -6.57 13.30
CA LYS A 171 19.49 -6.97 14.69
C LYS A 171 19.42 -8.48 14.91
N ILE A 172 18.74 -9.16 14.03
CA ILE A 172 18.58 -10.61 14.16
C ILE A 172 18.75 -11.14 12.78
N ALA A 173 19.48 -12.22 12.65
CA ALA A 173 19.72 -12.85 11.37
C ALA A 173 20.13 -14.29 11.63
N LYS A 174 19.15 -15.15 11.92
CA LYS A 174 19.45 -16.50 12.39
C LYS A 174 18.19 -17.32 12.54
N ASP A 175 18.35 -18.61 12.72
CA ASP A 175 17.25 -19.50 12.84
C ASP A 175 16.77 -19.49 14.27
N ARG A 176 15.47 -19.26 14.44
CA ARG A 176 14.79 -19.27 15.72
C ARG A 176 13.64 -20.25 15.62
N TYR A 177 13.11 -20.61 16.77
CA TYR A 177 12.25 -21.78 16.90
C TYR A 177 10.96 -21.62 16.16
N PHE A 178 10.23 -20.57 16.50
CA PHE A 178 8.96 -20.29 15.84
C PHE A 178 9.10 -19.56 14.51
N ALA A 179 9.97 -18.57 14.44
CA ALA A 179 10.07 -17.74 13.24
C ALA A 179 10.80 -18.40 12.09
N GLY A 180 11.57 -19.44 12.41
CA GLY A 180 12.41 -20.08 11.41
C GLY A 180 13.53 -19.12 11.14
N ASN A 181 14.10 -19.15 9.94
CA ASN A 181 15.16 -18.19 9.56
C ASN A 181 14.58 -16.79 9.58
N SER A 182 15.21 -15.90 10.33
CA SER A 182 14.64 -14.65 10.74
C SER A 182 15.60 -13.53 10.47
N VAL A 183 15.13 -12.49 9.76
CA VAL A 183 15.85 -11.21 9.74
C VAL A 183 14.99 -10.14 10.40
N VAL A 184 15.62 -9.38 11.28
CA VAL A 184 14.93 -8.25 11.86
C VAL A 184 15.85 -7.04 11.77
N ILE A 185 15.28 -5.93 11.31
CA ILE A 185 16.01 -4.69 11.11
C ILE A 185 15.49 -3.54 11.97
N ASP A 186 16.42 -2.78 12.52
CA ASP A 186 16.15 -1.58 13.33
C ASP A 186 16.14 -0.45 12.31
N HIS A 187 15.01 0.26 12.23
CA HIS A 187 14.90 1.40 11.32
C HIS A 187 15.12 2.72 12.04
N GLY A 188 15.33 2.64 13.35
CA GLY A 188 15.36 3.81 14.21
C GLY A 188 14.02 4.04 14.85
N PHE A 189 14.03 4.81 15.94
CA PHE A 189 12.84 5.18 16.73
C PHE A 189 11.98 4.02 17.18
N GLY A 190 12.60 2.88 17.43
CA GLY A 190 11.85 1.69 17.86
C GLY A 190 10.92 1.11 16.82
N ILE A 191 11.18 1.41 15.56
CA ILE A 191 10.48 0.73 14.47
C ILE A 191 11.33 -0.41 13.93
N TYR A 192 10.80 -1.65 13.99
CA TYR A 192 11.55 -2.85 13.56
C TYR A 192 10.76 -3.60 12.50
N SER A 193 11.41 -3.98 11.40
CA SER A 193 10.75 -4.83 10.39
C SER A 193 11.19 -6.26 10.50
N GLN A 194 10.27 -7.16 10.17
CA GLN A 194 10.44 -8.57 10.40
C GLN A 194 10.22 -9.38 9.15
N TYR A 195 11.05 -10.42 8.97
CA TYR A 195 11.05 -11.29 7.78
C TYR A 195 11.33 -12.69 8.26
N TYR A 196 10.26 -13.46 8.36
CA TYR A 196 10.31 -14.81 8.90
C TYR A 196 10.09 -15.94 7.84
N HIS A 197 10.42 -17.17 8.26
CA HIS A 197 10.28 -18.43 7.51
C HIS A 197 11.14 -18.56 6.31
N LEU A 198 12.23 -17.82 6.28
CA LEU A 198 13.13 -17.76 5.12
C LEU A 198 13.82 -19.11 4.88
N SER A 199 14.31 -19.32 3.67
CA SER A 199 15.09 -20.49 3.33
C SER A 199 16.59 -20.18 3.43
N LYS A 200 16.95 -18.90 3.39
CA LYS A 200 18.34 -18.47 3.37
C LYS A 200 18.44 -17.01 3.82
N ILE A 201 19.45 -16.75 4.63
CA ILE A 201 19.70 -15.43 5.16
C ILE A 201 20.94 -14.85 4.50
N ASP A 202 20.87 -13.63 4.00
CA ASP A 202 22.03 -13.04 3.33
C ASP A 202 22.56 -11.81 4.03
N VAL A 203 22.29 -11.65 5.33
CA VAL A 203 22.81 -10.52 6.09
C VAL A 203 23.31 -11.00 7.43
N LYS A 204 24.12 -10.18 8.07
CA LYS A 204 24.68 -10.47 9.38
C LYS A 204 24.19 -9.49 10.43
N VAL A 205 24.19 -9.92 11.69
CA VAL A 205 23.87 -9.01 12.78
C VAL A 205 24.81 -7.83 12.74
N GLY A 206 24.28 -6.64 12.98
CA GLY A 206 25.09 -5.46 13.04
C GLY A 206 25.38 -4.81 11.72
N GLN A 207 25.03 -5.47 10.62
CA GLN A 207 25.25 -4.93 9.27
C GLN A 207 24.29 -3.79 8.93
N LYS A 208 24.79 -2.81 8.19
CA LYS A 208 23.96 -1.71 7.69
C LYS A 208 23.31 -2.15 6.42
N ILE A 209 22.00 -2.07 6.34
CA ILE A 209 21.30 -2.47 5.12
C ILE A 209 20.54 -1.29 4.50
N LYS A 210 20.55 -1.19 3.19
CA LYS A 210 19.80 -0.15 2.51
C LYS A 210 18.47 -0.66 1.99
N LYS A 211 17.45 0.19 2.01
CA LYS A 211 16.16 -0.15 1.42
C LYS A 211 16.36 -0.78 0.06
N GLY A 212 15.59 -1.81 -0.25
CA GLY A 212 15.65 -2.50 -1.55
C GLY A 212 16.78 -3.50 -1.69
N GLU A 213 17.59 -3.64 -0.67
CA GLU A 213 18.73 -4.56 -0.71
C GLU A 213 18.32 -5.99 -0.35
N LEU A 214 19.04 -6.95 -0.90
CA LEU A 214 18.69 -8.36 -0.72
C LEU A 214 18.95 -8.77 0.70
N ILE A 215 17.92 -9.19 1.44
CA ILE A 215 18.15 -9.69 2.79
C ILE A 215 18.24 -11.22 2.91
N GLY A 216 17.66 -11.92 1.94
CA GLY A 216 17.65 -13.38 2.01
C GLY A 216 16.63 -13.95 1.07
N LEU A 217 16.37 -15.25 1.17
CA LEU A 217 15.41 -15.94 0.31
C LEU A 217 14.20 -16.50 1.09
N SER A 218 13.01 -16.41 0.48
CA SER A 218 11.75 -16.91 1.09
C SER A 218 11.84 -18.43 1.36
N GLY A 219 11.01 -18.92 2.27
CA GLY A 219 11.05 -20.33 2.61
C GLY A 219 9.81 -20.84 3.32
N ALA A 220 9.97 -21.96 4.01
CA ALA A 220 8.89 -22.61 4.76
C ALA A 220 9.32 -22.90 6.20
N SER A 221 10.43 -22.31 6.62
CA SER A 221 11.10 -22.71 7.83
C SER A 221 10.36 -22.22 9.05
N GLY A 222 10.44 -22.97 10.14
CA GLY A 222 9.82 -22.55 11.40
C GLY A 222 8.36 -22.99 11.49
N ARG A 223 7.61 -22.33 12.38
CA ARG A 223 6.21 -22.64 12.61
C ARG A 223 5.31 -21.98 11.57
N VAL A 224 5.07 -22.68 10.48
CA VAL A 224 4.29 -22.15 9.37
C VAL A 224 3.83 -23.38 8.59
N SER A 225 2.76 -23.27 7.82
CA SER A 225 2.14 -24.44 7.18
C SER A 225 2.63 -24.74 5.79
N GLY A 226 3.56 -23.96 5.25
CA GLY A 226 4.06 -24.13 3.88
C GLY A 226 4.91 -22.94 3.50
N PRO A 227 5.44 -22.93 2.28
CA PRO A 227 6.27 -21.77 1.94
C PRO A 227 5.44 -20.51 1.94
N ALA A 228 6.07 -19.40 2.34
CA ALA A 228 5.43 -18.10 2.40
C ALA A 228 6.47 -17.13 2.96
N LEU A 229 6.33 -15.84 2.66
CA LEU A 229 7.05 -14.83 3.39
C LEU A 229 6.13 -14.15 4.39
N HIS A 230 6.53 -14.16 5.67
CA HIS A 230 5.82 -13.49 6.75
C HIS A 230 6.52 -12.17 7.01
N PHE A 231 5.75 -11.07 7.01
CA PHE A 231 6.27 -9.70 7.14
C PHE A 231 5.62 -9.07 8.33
N GLY A 232 6.40 -8.59 9.29
CA GLY A 232 5.84 -7.96 10.46
C GLY A 232 6.47 -6.60 10.73
N ILE A 233 5.79 -5.80 11.54
CA ILE A 233 6.32 -4.54 12.00
C ILE A 233 6.08 -4.43 13.48
N LEU A 234 7.15 -4.15 14.22
CA LEU A 234 7.06 -3.72 15.61
C LEU A 234 7.25 -2.19 15.73
N ALA A 235 6.40 -1.53 16.49
CA ALA A 235 6.54 -0.09 16.71
C ALA A 235 5.75 0.32 17.95
N GLY A 236 6.25 1.31 18.69
CA GLY A 236 5.63 1.69 19.94
C GLY A 236 5.63 0.53 20.90
N GLY A 237 6.57 -0.41 20.71
CA GLY A 237 6.72 -1.53 21.59
C GLY A 237 5.80 -2.72 21.35
N LYS A 238 4.92 -2.61 20.36
CA LYS A 238 3.94 -3.64 20.03
C LYS A 238 3.97 -4.00 18.52
N GLN A 239 3.63 -5.25 18.18
CA GLN A 239 3.41 -5.68 16.80
C GLN A 239 2.18 -4.98 16.25
N VAL A 240 2.32 -4.30 15.13
CA VAL A 240 1.17 -3.59 14.55
C VAL A 240 0.94 -3.99 13.10
N ASP A 241 -0.30 -3.86 12.64
CA ASP A 241 -0.68 -4.08 11.22
C ASP A 241 0.36 -3.46 10.34
N PRO A 242 1.09 -4.28 9.57
CA PRO A 242 2.27 -3.76 8.88
C PRO A 242 1.99 -3.00 7.59
N LEU A 243 0.94 -3.35 6.85
CA LEU A 243 0.54 -2.54 5.67
C LEU A 243 -0.11 -1.19 6.05
N ASP A 244 -0.93 -1.20 7.09
CA ASP A 244 -1.47 0.02 7.67
C ASP A 244 -0.37 0.95 8.15
N PHE A 245 0.61 0.38 8.85
CA PHE A 245 1.69 1.16 9.43
C PHE A 245 2.52 1.75 8.33
N VAL A 246 2.86 0.93 7.35
CA VAL A 246 3.64 1.41 6.23
C VAL A 246 2.95 2.60 5.61
N SER A 247 1.63 2.50 5.50
CA SER A 247 0.86 3.49 4.77
C SER A 247 0.84 4.81 5.53
N LYS A 248 0.66 4.71 6.84
CA LYS A 248 0.81 5.83 7.77
C LYS A 248 2.21 6.41 7.76
N PHE A 249 3.20 5.55 7.77
CA PHE A 249 4.56 6.02 7.85
C PHE A 249 4.86 6.81 6.58
N ASN A 250 4.56 6.20 5.43
CA ASN A 250 4.90 6.83 4.16
C ASN A 250 4.25 8.21 3.95
N ALA A 251 3.03 8.36 4.47
CA ALA A 251 2.30 9.61 4.38
C ALA A 251 3.08 10.82 4.93
N ILE A 252 3.92 10.58 5.94
CA ILE A 252 4.73 11.62 6.56
C ILE A 252 6.14 11.65 5.97
N PHE A 253 6.75 10.48 5.82
CA PHE A 253 8.19 10.39 5.52
C PHE A 253 8.58 10.23 4.06
N GLN A 254 7.61 10.11 3.16
CA GLN A 254 7.92 9.95 1.76
C GLN A 254 8.67 11.14 1.16
N LEU A 255 9.78 10.87 0.49
CA LEU A 255 10.59 11.93 -0.14
C LEU A 255 10.02 12.39 -1.48
N MET B 1 1.86 -11.52 -28.39
CA MET B 1 0.60 -10.81 -28.09
C MET B 1 0.66 -9.39 -28.63
N GLU B 2 -0.48 -8.70 -28.63
CA GLU B 2 -0.57 -7.32 -29.11
C GLU B 2 -1.37 -6.45 -28.14
N LEU B 3 -1.12 -5.14 -28.16
CA LEU B 3 -1.81 -4.24 -27.25
C LEU B 3 -1.76 -2.83 -27.73
N ILE B 4 -2.94 -2.22 -27.77
CA ILE B 4 -3.06 -0.80 -28.07
C ILE B 4 -2.53 0.03 -26.91
N LYS B 5 -1.68 1.00 -27.22
CA LYS B 5 -1.20 1.97 -26.25
C LYS B 5 -2.34 2.58 -25.41
N GLY B 6 -2.05 2.83 -24.13
CA GLY B 6 -3.04 3.32 -23.22
C GLY B 6 -4.06 2.29 -22.82
N GLN B 7 -3.75 1.00 -23.04
CA GLN B 7 -4.58 -0.07 -22.52
C GLN B 7 -3.82 -0.96 -21.59
N ALA B 8 -4.59 -1.64 -20.76
CA ALA B 8 -4.09 -2.61 -19.83
C ALA B 8 -4.42 -3.96 -20.36
N LEU B 9 -3.63 -4.93 -19.90
CA LEU B 9 -3.80 -6.31 -20.28
C LEU B 9 -3.62 -7.21 -19.05
N PHE B 10 -4.55 -8.14 -18.82
CA PHE B 10 -4.38 -9.13 -17.75
C PHE B 10 -3.62 -10.39 -18.14
N LEU B 11 -2.34 -10.47 -17.77
CA LEU B 11 -1.51 -11.68 -18.01
C LEU B 11 -1.74 -12.81 -17.01
N GLU B 12 -1.80 -14.04 -17.51
CA GLU B 12 -2.00 -15.21 -16.66
C GLU B 12 -0.71 -15.97 -16.65
N LEU B 13 -0.25 -16.41 -15.48
CA LEU B 13 1.00 -17.20 -15.36
C LEU B 13 0.79 -18.35 -14.41
N ASP B 14 1.61 -19.42 -14.54
CA ASP B 14 1.56 -20.53 -13.57
C ASP B 14 2.02 -20.09 -12.21
N LYS B 15 1.28 -20.47 -11.19
CA LYS B 15 1.61 -20.11 -9.81
C LYS B 15 2.81 -20.86 -9.26
N LYS B 16 2.96 -22.13 -9.63
CA LYS B 16 3.94 -23.01 -8.99
C LYS B 16 5.35 -22.77 -9.53
N ASP B 17 6.31 -22.67 -8.60
CA ASP B 17 7.74 -22.38 -8.90
C ASP B 17 8.03 -20.99 -9.42
N PHE B 18 7.05 -20.11 -9.34
CA PHE B 18 7.17 -18.78 -9.87
C PHE B 18 7.95 -17.93 -8.88
N LEU B 19 8.94 -17.18 -9.38
CA LEU B 19 9.76 -16.32 -8.54
C LEU B 19 9.47 -14.83 -8.83
N SER B 20 9.47 -14.44 -10.10
CA SER B 20 9.30 -13.03 -10.47
C SER B 20 8.95 -12.85 -11.95
N LEU B 21 8.41 -11.66 -12.24
CA LEU B 21 8.00 -11.25 -13.58
C LEU B 21 8.59 -9.89 -13.77
N LYS B 22 9.37 -9.69 -14.84
CA LYS B 22 10.15 -8.47 -15.01
C LYS B 22 10.04 -7.88 -16.41
N ASN B 23 10.09 -6.56 -16.47
CA ASN B 23 10.18 -5.82 -17.71
C ASN B 23 11.45 -5.05 -17.56
N ASN B 24 12.51 -5.59 -18.11
CA ASN B 24 13.84 -5.07 -17.86
C ASN B 24 14.18 -5.24 -16.39
N ASP B 25 14.60 -4.16 -15.73
CA ASP B 25 14.86 -4.18 -14.30
C ASP B 25 13.56 -4.10 -13.50
N LYS B 26 12.71 -3.15 -13.85
CA LYS B 26 11.42 -2.99 -13.18
C LYS B 26 10.69 -4.32 -12.98
N ASN B 27 10.38 -4.61 -11.72
CA ASN B 27 9.52 -5.73 -11.35
C ASN B 27 8.06 -5.44 -11.63
N ILE B 28 7.27 -6.48 -11.86
CA ILE B 28 5.83 -6.34 -12.07
C ILE B 28 5.12 -7.21 -11.07
N PRO B 29 4.27 -6.61 -10.24
CA PRO B 29 3.60 -7.41 -9.23
C PRO B 29 2.59 -8.47 -9.76
N THR B 30 2.35 -9.49 -8.94
CA THR B 30 1.41 -10.55 -9.25
C THR B 30 0.34 -10.71 -8.17
N PHE B 31 -0.83 -11.16 -8.57
CA PHE B 31 -1.92 -11.45 -7.65
C PHE B 31 -2.57 -12.80 -8.04
N ALA B 32 -3.35 -13.41 -7.15
CA ALA B 32 -3.91 -14.72 -7.41
C ALA B 32 -5.02 -14.64 -8.44
N HIS B 33 -5.18 -15.69 -9.24
CA HIS B 33 -6.31 -15.76 -10.16
C HIS B 33 -7.50 -16.15 -9.30
N PRO B 34 -8.65 -15.48 -9.48
CA PRO B 34 -9.79 -15.76 -8.60
C PRO B 34 -10.44 -17.15 -8.82
N LYS B 35 -10.54 -17.56 -10.07
CA LYS B 35 -11.22 -18.81 -10.42
C LYS B 35 -10.31 -20.04 -10.63
N ASN B 36 -8.98 -19.87 -10.56
CA ASN B 36 -8.05 -20.97 -10.83
C ASN B 36 -6.82 -21.01 -9.90
N GLN B 37 -6.88 -21.88 -8.88
CA GLN B 37 -5.85 -21.92 -7.82
C GLN B 37 -4.45 -22.16 -8.33
N GLU B 38 -4.31 -22.73 -9.52
CA GLU B 38 -2.98 -22.98 -10.12
C GLU B 38 -2.39 -21.80 -10.90
N LYS B 39 -3.12 -20.70 -11.01
CA LYS B 39 -2.63 -19.56 -11.77
C LYS B 39 -2.48 -18.26 -10.97
N ILE B 40 -1.63 -17.38 -11.48
CA ILE B 40 -1.54 -15.97 -11.00
C ILE B 40 -1.72 -14.96 -12.14
N LEU B 41 -2.04 -13.72 -11.78
CA LEU B 41 -2.26 -12.66 -12.75
C LEU B 41 -1.30 -11.50 -12.53
N ALA B 42 -1.09 -10.73 -13.59
CA ALA B 42 -0.33 -9.51 -13.53
C ALA B 42 -0.91 -8.57 -14.57
N ILE B 43 -0.89 -7.27 -14.25
CA ILE B 43 -1.43 -6.30 -15.18
C ILE B 43 -0.26 -5.62 -15.86
N PHE B 44 -0.32 -5.52 -17.17
CA PHE B 44 0.66 -4.80 -17.94
C PHE B 44 -0.06 -3.71 -18.72
N SER B 45 0.47 -2.50 -18.66
CA SER B 45 -0.14 -1.35 -19.34
C SER B 45 0.89 -0.69 -20.19
N LEU B 46 0.48 -0.22 -21.34
CA LEU B 46 1.33 0.62 -22.16
C LEU B 46 0.97 2.10 -21.95
N PRO B 47 2.01 2.95 -21.79
CA PRO B 47 1.68 4.37 -21.71
C PRO B 47 1.03 4.85 -22.99
N TYR B 48 0.19 5.88 -22.89
CA TYR B 48 -0.35 6.49 -24.08
C TYR B 48 0.76 7.21 -24.85
N LYS B 49 1.48 8.09 -24.16
CA LYS B 49 2.57 8.82 -24.76
C LYS B 49 3.84 7.98 -24.83
N ASN B 50 4.49 7.97 -25.98
CA ASN B 50 5.81 7.42 -26.08
C ASN B 50 5.95 5.97 -25.65
N PRO B 51 5.05 5.11 -26.11
CA PRO B 51 5.23 3.71 -25.80
C PRO B 51 6.43 3.16 -26.57
N PRO B 52 7.03 2.07 -26.08
CA PRO B 52 7.97 1.31 -26.93
C PRO B 52 7.24 0.58 -28.06
N GLN B 53 7.96 0.17 -29.11
CA GLN B 53 7.33 -0.61 -30.20
C GLN B 53 6.97 -1.99 -29.69
N ASN B 54 7.79 -2.51 -28.80
CA ASN B 54 7.68 -3.88 -28.39
C ASN B 54 8.19 -4.02 -27.00
N THR B 55 7.59 -4.94 -26.25
CA THR B 55 8.01 -5.22 -24.90
C THR B 55 8.39 -6.69 -24.80
N LYS B 56 9.53 -6.97 -24.17
CA LYS B 56 9.83 -8.34 -23.79
C LYS B 56 9.89 -8.45 -22.28
N LEU B 57 9.00 -9.28 -21.75
CA LEU B 57 8.84 -9.52 -20.32
C LEU B 57 9.40 -10.89 -20.01
N ILE B 58 10.06 -11.04 -18.86
CA ILE B 58 10.50 -12.36 -18.47
C ILE B 58 9.91 -12.86 -17.16
N ALA B 59 9.15 -13.94 -17.25
CA ALA B 59 8.73 -14.65 -16.06
C ALA B 59 9.80 -15.67 -15.61
N PHE B 60 10.44 -15.43 -14.47
CA PHE B 60 11.44 -16.34 -13.95
C PHE B 60 10.81 -17.37 -13.05
N TYR B 61 11.11 -18.63 -13.33
CA TYR B 61 10.82 -19.74 -12.43
C TYR B 61 12.13 -20.33 -11.85
N LYS B 62 11.96 -21.23 -10.88
CA LYS B 62 13.08 -22.02 -10.27
C LYS B 62 13.92 -22.71 -11.32
N ASP B 63 13.22 -23.24 -12.32
CA ASP B 63 13.72 -24.22 -13.25
C ASP B 63 13.69 -23.74 -14.70
N LYS B 64 13.14 -22.55 -14.94
CA LYS B 64 13.05 -22.02 -16.32
C LYS B 64 12.68 -20.55 -16.36
N LYS B 65 12.75 -20.01 -17.57
CA LYS B 65 12.39 -18.65 -17.89
C LYS B 65 11.38 -18.75 -18.99
N GLU B 66 10.27 -18.02 -18.85
CA GLU B 66 9.26 -17.87 -19.88
C GLU B 66 9.31 -16.43 -20.36
N GLU B 67 9.60 -16.26 -21.66
CA GLU B 67 9.57 -14.94 -22.29
C GLU B 67 8.17 -14.64 -22.82
N ILE B 68 7.76 -13.39 -22.70
CA ILE B 68 6.47 -12.93 -23.18
C ILE B 68 6.72 -11.69 -24.04
N PHE B 69 6.26 -11.74 -25.28
CA PHE B 69 6.47 -10.66 -26.25
C PHE B 69 5.16 -9.92 -26.48
N ILE B 70 5.22 -8.58 -26.47
CA ILE B 70 4.02 -7.76 -26.62
C ILE B 70 4.31 -6.58 -27.53
N LYS B 71 3.61 -6.59 -28.66
CA LYS B 71 3.82 -5.61 -29.68
C LYS B 71 2.85 -4.48 -29.40
N THR B 72 3.34 -3.26 -29.47
CA THR B 72 2.49 -2.09 -29.27
C THR B 72 1.62 -1.87 -30.51
N LEU B 73 0.41 -1.39 -30.33
CA LEU B 73 -0.44 -1.04 -31.45
C LEU B 73 -0.90 0.39 -31.29
N GLU B 74 -1.18 1.06 -32.40
CA GLU B 74 -1.54 2.47 -32.33
C GLU B 74 -3.00 2.69 -31.95
N GLY B 75 -3.89 1.77 -32.31
CA GLY B 75 -5.33 1.95 -32.06
C GLY B 75 -5.94 2.96 -33.01
N ASN B 76 -7.23 3.27 -32.82
CA ASN B 76 -7.94 4.27 -33.64
C ASN B 76 -8.37 5.51 -32.87
N TYR B 77 -7.46 6.08 -32.12
CA TYR B 77 -7.78 7.27 -31.33
C TYR B 77 -7.97 8.49 -32.22
N LYS B 78 -8.85 9.38 -31.79
CA LYS B 78 -9.08 10.64 -32.50
C LYS B 78 -8.04 11.68 -32.13
N SER B 79 -7.70 12.54 -33.09
CA SER B 79 -6.47 13.31 -33.03
C SER B 79 -6.55 14.56 -33.88
N GLU B 80 -6.13 15.68 -33.29
CA GLU B 80 -6.10 16.97 -33.97
C GLU B 80 -4.71 17.62 -33.83
N LYS B 81 -4.35 18.48 -34.78
CA LYS B 81 -3.06 19.16 -34.74
C LYS B 81 -3.06 20.41 -33.86
N LEU B 82 -1.86 20.84 -33.51
CA LEU B 82 -1.61 22.13 -32.85
C LEU B 82 -0.59 22.92 -33.66
N GLN B 83 -0.74 24.25 -33.67
CA GLN B 83 0.07 25.12 -34.52
C GLN B 83 0.78 26.22 -33.69
N VAL B 84 1.53 25.80 -32.67
CA VAL B 84 2.38 26.68 -31.82
C VAL B 84 2.74 26.00 -30.48
N GLU B 85 4.03 25.96 -30.12
CA GLU B 85 4.46 25.36 -28.84
C GLU B 85 5.95 25.60 -28.50
N ASN B 86 6.20 26.06 -27.26
CA ASN B 86 7.56 26.19 -26.68
C ASN B 86 7.57 27.05 -25.39
N LYS B 87 8.32 26.60 -24.37
CA LYS B 87 8.34 27.16 -22.98
C LYS B 87 7.37 28.31 -22.63
N LYS B 88 6.07 28.11 -22.87
CA LYS B 88 5.04 29.18 -22.79
C LYS B 88 4.05 29.03 -21.62
N ILE B 89 3.31 30.12 -21.38
CA ILE B 89 2.31 30.25 -20.30
C ILE B 89 2.38 29.26 -19.11
N PHE B 90 3.29 29.51 -18.17
CA PHE B 90 3.26 28.88 -16.84
C PHE B 90 2.40 29.77 -15.92
N PRO B 91 1.94 29.26 -14.76
CA PRO B 91 1.27 30.13 -13.76
C PRO B 91 2.21 30.80 -12.73
N PRO B 92 1.68 31.68 -11.85
CA PRO B 92 2.43 32.25 -10.71
C PRO B 92 3.09 31.20 -9.81
N LYS B 93 4.16 31.57 -9.11
CA LYS B 93 4.99 30.60 -8.40
C LYS B 93 4.23 29.76 -7.39
N THR B 94 3.39 30.39 -6.58
CA THR B 94 2.69 29.64 -5.54
C THR B 94 1.71 28.69 -6.18
N ILE B 95 1.32 28.97 -7.42
CA ILE B 95 0.44 28.11 -8.22
C ILE B 95 1.22 26.98 -8.92
N GLN B 96 2.43 27.28 -9.36
CA GLN B 96 3.32 26.23 -9.80
C GLN B 96 3.61 25.36 -8.61
N GLU B 97 3.83 25.98 -7.45
CA GLU B 97 4.08 25.21 -6.24
C GLU B 97 2.90 24.29 -5.92
N ARG B 98 1.67 24.78 -6.16
CA ARG B 98 0.47 23.97 -5.95
C ARG B 98 0.46 22.86 -6.98
N ILE B 99 0.65 23.21 -8.24
CA ILE B 99 0.67 22.19 -9.25
C ILE B 99 1.72 21.14 -8.93
N ALA B 100 2.87 21.54 -8.44
CA ALA B 100 3.97 20.63 -8.18
C ALA B 100 3.69 19.71 -6.99
N LYS B 101 3.24 20.30 -5.89
CA LYS B 101 2.88 19.54 -4.71
C LYS B 101 1.85 18.47 -5.07
N GLU B 102 0.80 18.83 -5.79
CA GLU B 102 -0.28 17.87 -6.03
C GLU B 102 0.21 16.72 -6.94
N LEU B 103 1.09 17.06 -7.90
CA LEU B 103 1.62 16.02 -8.77
C LEU B 103 2.35 15.00 -7.91
N LYS B 104 3.20 15.53 -7.02
CA LYS B 104 4.00 14.72 -6.09
C LYS B 104 3.11 13.87 -5.22
N GLU B 105 2.10 14.47 -4.60
CA GLU B 105 1.16 13.71 -3.80
C GLU B 105 0.54 12.59 -4.63
N ALA B 106 0.05 12.90 -5.83
CA ALA B 106 -0.60 11.91 -6.68
C ALA B 106 0.37 10.78 -7.04
N ASN B 107 1.56 11.13 -7.52
CA ASN B 107 2.57 10.11 -7.84
C ASN B 107 2.95 9.20 -6.67
N ALA B 108 3.11 9.74 -5.47
CA ALA B 108 3.27 8.89 -4.33
C ALA B 108 2.14 7.86 -4.22
N ILE B 109 0.89 8.29 -4.36
CA ILE B 109 -0.25 7.34 -4.30
C ILE B 109 -0.23 6.31 -5.43
N TYR B 110 0.03 6.72 -6.66
CA TYR B 110 -0.09 5.80 -7.80
C TYR B 110 1.10 4.86 -7.89
N SER B 111 2.17 5.24 -7.21
CA SER B 111 3.36 4.43 -7.06
C SER B 111 3.10 3.35 -6.04
N SER B 112 2.32 3.67 -5.01
CA SER B 112 2.02 2.69 -3.99
C SER B 112 1.31 1.46 -4.61
N TYR B 113 1.52 0.33 -3.96
CA TYR B 113 0.90 -0.90 -4.36
C TYR B 113 0.43 -1.58 -3.07
N THR B 114 -0.89 -1.69 -2.91
CA THR B 114 -1.54 -2.40 -1.83
C THR B 114 -1.67 -3.86 -2.28
N PRO B 115 -0.99 -4.79 -1.57
CA PRO B 115 -0.91 -6.16 -2.13
C PRO B 115 -2.07 -7.06 -1.74
N LYS B 116 -3.28 -6.51 -1.69
CA LYS B 116 -4.50 -7.30 -1.53
C LYS B 116 -5.64 -6.61 -2.25
N ALA B 117 -6.74 -7.33 -2.44
CA ALA B 117 -7.92 -6.83 -3.09
C ALA B 117 -8.76 -6.06 -2.10
N LEU B 118 -9.00 -4.80 -2.42
CA LEU B 118 -9.89 -3.98 -1.61
C LEU B 118 -11.24 -3.90 -2.34
N PHE B 119 -11.27 -4.42 -3.56
CA PHE B 119 -12.48 -4.43 -4.36
C PHE B 119 -13.41 -5.57 -3.95
N ASN B 120 -14.62 -5.52 -4.50
CA ASN B 120 -15.60 -6.52 -4.26
C ASN B 120 -16.31 -6.80 -5.58
N GLY B 121 -15.81 -7.78 -6.29
CA GLY B 121 -16.41 -8.15 -7.55
C GLY B 121 -16.04 -7.25 -8.72
N ALA B 122 -16.97 -7.22 -9.68
CA ALA B 122 -16.90 -6.43 -10.89
C ALA B 122 -16.99 -4.95 -10.59
N PHE B 123 -16.32 -4.20 -11.45
CA PHE B 123 -16.48 -2.76 -11.49
C PHE B 123 -17.85 -2.43 -12.04
N ASN B 124 -18.54 -1.49 -11.41
CA ASN B 124 -19.65 -0.81 -12.03
C ASN B 124 -19.16 0.50 -12.59
N ILE B 125 -20.00 1.03 -13.46
CA ILE B 125 -19.85 2.34 -14.07
C ILE B 125 -20.32 3.32 -12.97
N PRO B 126 -19.66 4.47 -12.83
CA PRO B 126 -19.93 5.37 -11.69
C PRO B 126 -21.27 6.07 -11.75
N LEU B 127 -21.82 6.21 -12.96
CA LEU B 127 -23.19 6.69 -13.10
C LEU B 127 -23.76 6.22 -14.44
N ASN B 128 -25.09 6.27 -14.55
CA ASN B 128 -25.83 5.65 -15.65
C ASN B 128 -26.17 6.52 -16.83
N SER B 129 -25.20 7.26 -17.34
CA SER B 129 -25.49 8.18 -18.42
C SER B 129 -24.72 7.73 -19.62
N PHE B 130 -24.20 8.66 -20.40
CA PHE B 130 -23.55 8.29 -21.63
C PHE B 130 -22.27 9.06 -21.78
N ILE B 131 -21.33 8.47 -22.51
CA ILE B 131 -20.03 9.09 -22.73
C ILE B 131 -20.20 10.28 -23.67
N THR B 132 -19.57 11.41 -23.35
CA THR B 132 -19.52 12.54 -24.30
C THR B 132 -18.12 12.85 -24.79
N SER B 133 -17.09 12.22 -24.21
CA SER B 133 -15.72 12.43 -24.67
C SER B 133 -14.86 11.22 -24.29
N ASP B 134 -14.46 10.47 -25.31
CA ASP B 134 -13.83 9.17 -25.14
C ASP B 134 -12.39 9.24 -24.64
N PHE B 135 -11.90 8.11 -24.13
CA PHE B 135 -10.49 8.00 -23.80
C PHE B 135 -9.61 8.19 -25.03
N GLY B 136 -8.52 8.94 -24.89
CA GLY B 136 -7.43 8.93 -25.87
C GLY B 136 -7.46 9.97 -26.99
N LYS B 137 -8.46 10.85 -26.95
CA LYS B 137 -8.45 12.12 -27.68
C LYS B 137 -7.09 12.80 -27.56
N ALA B 138 -6.28 12.76 -28.61
CA ALA B 138 -4.94 13.37 -28.57
C ALA B 138 -4.88 14.82 -29.11
N ARG B 139 -3.84 15.54 -28.70
CA ARG B 139 -3.43 16.77 -29.36
C ARG B 139 -1.96 16.67 -29.70
N THR B 140 -1.64 16.86 -30.99
CA THR B 140 -0.31 16.55 -31.54
C THR B 140 0.47 17.77 -32.06
N PHE B 141 1.79 17.64 -32.12
CA PHE B 141 2.69 18.70 -32.58
C PHE B 141 4.11 18.14 -32.73
N ASN B 142 4.83 18.57 -33.77
CA ASN B 142 6.10 17.94 -34.20
C ASN B 142 5.88 16.43 -34.40
N GLU B 143 4.68 16.10 -34.89
CA GLU B 143 4.21 14.72 -35.01
C GLU B 143 4.38 13.90 -33.70
N LYS B 144 4.30 14.58 -32.56
CA LYS B 144 4.38 13.97 -31.22
C LYS B 144 3.14 14.37 -30.41
N VAL B 145 2.81 13.54 -29.41
CA VAL B 145 1.59 13.71 -28.62
C VAL B 145 1.85 14.77 -27.57
N ALA B 146 1.35 15.97 -27.81
CA ALA B 146 1.50 17.09 -26.88
C ALA B 146 0.65 16.86 -25.64
N SER B 147 -0.55 16.31 -25.83
CA SER B 147 -1.41 15.93 -24.70
C SER B 147 -2.50 14.98 -25.17
N TYR B 148 -3.08 14.26 -24.23
CA TYR B 148 -4.21 13.37 -24.52
C TYR B 148 -5.18 13.36 -23.37
N HIS B 149 -6.34 12.81 -23.63
CA HIS B 149 -7.42 12.72 -22.66
C HIS B 149 -7.30 11.43 -21.85
N SER B 150 -7.01 11.58 -20.55
CA SER B 150 -6.56 10.47 -19.72
C SER B 150 -7.68 9.73 -18.95
N GLY B 151 -8.92 9.92 -19.38
CA GLY B 151 -10.10 9.27 -18.80
C GLY B 151 -11.26 9.41 -19.78
N THR B 152 -12.49 9.26 -19.30
CA THR B 152 -13.60 9.29 -20.21
C THR B 152 -14.62 10.17 -19.54
N ASP B 153 -15.28 11.05 -20.28
CA ASP B 153 -16.28 11.89 -19.63
C ASP B 153 -17.69 11.41 -19.91
N PHE B 154 -18.48 11.42 -18.85
CA PHE B 154 -19.88 11.05 -18.87
C PHE B 154 -20.66 12.35 -18.76
N ARG B 155 -21.77 12.44 -19.51
CA ARG B 155 -22.67 13.56 -19.38
C ARG B 155 -23.23 13.63 -17.98
N ALA B 156 -23.19 14.83 -17.42
CA ALA B 156 -23.68 15.10 -16.08
C ALA B 156 -23.92 16.59 -15.91
N ALA B 157 -25.16 16.94 -15.61
CA ALA B 157 -25.49 18.24 -15.10
C ALA B 157 -24.88 18.34 -13.72
N THR B 158 -24.64 19.57 -13.28
CA THR B 158 -24.11 19.85 -11.95
C THR B 158 -25.09 19.26 -10.96
N GLY B 159 -24.56 18.48 -10.01
CA GLY B 159 -25.36 17.97 -8.93
C GLY B 159 -25.72 16.51 -9.07
N THR B 160 -25.29 15.87 -10.17
CA THR B 160 -25.64 14.44 -10.41
C THR B 160 -24.82 13.59 -9.48
N PRO B 161 -25.48 12.72 -8.69
CA PRO B 161 -24.85 11.73 -7.81
C PRO B 161 -23.93 10.78 -8.54
N ILE B 162 -22.82 10.47 -7.88
CA ILE B 162 -21.72 9.72 -8.44
C ILE B 162 -21.34 8.69 -7.38
N TYR B 163 -21.34 7.42 -7.81
CA TYR B 163 -21.17 6.27 -6.96
C TYR B 163 -19.82 5.62 -7.23
N ALA B 164 -19.18 5.11 -6.19
CA ALA B 164 -17.89 4.43 -6.32
C ALA B 164 -18.04 3.29 -7.29
N ALA B 165 -17.06 3.15 -8.18
CA ALA B 165 -17.13 2.12 -9.21
C ALA B 165 -16.80 0.72 -8.66
N ASN B 166 -16.12 0.66 -7.52
CA ASN B 166 -15.91 -0.62 -6.89
C ASN B 166 -15.51 -0.26 -5.47
N SER B 167 -15.27 -1.26 -4.63
CA SER B 167 -14.89 -1.00 -3.25
C SER B 167 -13.43 -0.65 -3.16
N GLY B 168 -13.05 0.04 -2.09
CA GLY B 168 -11.67 0.45 -1.90
C GLY B 168 -11.41 1.40 -0.73
N VAL B 169 -10.24 2.03 -0.76
CA VAL B 169 -9.89 3.00 0.22
C VAL B 169 -9.65 4.33 -0.49
N VAL B 170 -10.27 5.37 0.05
CA VAL B 170 -10.14 6.70 -0.49
C VAL B 170 -8.75 7.23 -0.15
N LYS B 171 -8.05 7.64 -1.20
CA LYS B 171 -6.69 8.16 -1.12
C LYS B 171 -6.66 9.67 -1.34
N ILE B 172 -7.57 10.16 -2.17
CA ILE B 172 -7.66 11.57 -2.41
C ILE B 172 -9.12 11.97 -2.34
N ALA B 173 -9.34 13.15 -1.76
CA ALA B 173 -10.66 13.65 -1.53
C ALA B 173 -10.53 15.10 -1.24
N LYS B 174 -10.15 15.90 -2.23
CA LYS B 174 -9.95 17.34 -2.03
C LYS B 174 -9.97 18.07 -3.37
N ASP B 175 -9.79 19.40 -3.33
CA ASP B 175 -9.80 20.21 -4.53
C ASP B 175 -8.38 20.36 -5.02
N ARG B 176 -8.21 20.12 -6.32
CA ARG B 176 -6.90 20.16 -6.92
C ARG B 176 -6.96 21.04 -8.14
N TYR B 177 -5.80 21.51 -8.58
CA TYR B 177 -5.75 22.61 -9.52
C TYR B 177 -6.37 22.19 -10.85
N PHE B 178 -5.92 21.08 -11.39
CA PHE B 178 -6.42 20.67 -12.68
C PHE B 178 -7.68 19.86 -12.59
N ALA B 179 -7.69 18.85 -11.73
CA ALA B 179 -8.84 17.94 -11.65
C ALA B 179 -10.07 18.52 -10.93
N GLY B 180 -9.89 19.67 -10.27
CA GLY B 180 -10.97 20.20 -9.46
C GLY B 180 -11.22 19.27 -8.29
N ASN B 181 -12.44 19.29 -7.76
CA ASN B 181 -12.84 18.37 -6.69
C ASN B 181 -12.63 16.95 -7.19
N SER B 182 -11.68 16.26 -6.53
CA SER B 182 -11.14 14.98 -6.93
C SER B 182 -11.39 13.95 -5.86
N VAL B 183 -11.87 12.79 -6.28
CA VAL B 183 -11.77 11.61 -5.45
C VAL B 183 -10.97 10.54 -6.20
N VAL B 184 -10.09 9.89 -5.45
CA VAL B 184 -9.35 8.75 -5.97
C VAL B 184 -9.42 7.59 -4.99
N ILE B 185 -9.82 6.43 -5.50
CA ILE B 185 -9.89 5.22 -4.70
C ILE B 185 -8.85 4.16 -5.08
N ASP B 186 -8.24 3.55 -4.06
CA ASP B 186 -7.32 2.44 -4.21
C ASP B 186 -8.21 1.21 -4.10
N HIS B 187 -8.15 0.35 -5.13
CA HIS B 187 -8.91 -0.90 -5.20
C HIS B 187 -8.05 -2.13 -4.88
N GLY B 188 -6.75 -1.89 -4.74
CA GLY B 188 -5.79 -2.97 -4.55
C GLY B 188 -4.98 -3.16 -5.81
N PHE B 189 -3.83 -3.80 -5.63
CA PHE B 189 -3.03 -4.24 -6.74
C PHE B 189 -2.68 -3.11 -7.72
N GLY B 190 -2.42 -1.92 -7.21
CA GLY B 190 -2.10 -0.76 -8.06
C GLY B 190 -3.21 -0.27 -8.96
N ILE B 191 -4.44 -0.71 -8.70
CA ILE B 191 -5.58 -0.26 -9.48
C ILE B 191 -6.29 0.93 -8.82
N TYR B 192 -6.33 2.08 -9.49
CA TYR B 192 -6.95 3.27 -8.91
C TYR B 192 -8.07 3.85 -9.78
N SER B 193 -9.24 4.12 -9.18
CA SER B 193 -10.30 4.80 -9.94
C SER B 193 -10.32 6.25 -9.60
N GLN B 194 -10.65 7.06 -10.59
CA GLN B 194 -10.58 8.52 -10.48
C GLN B 194 -11.93 9.14 -10.79
N TYR B 195 -12.33 10.14 -10.01
CA TYR B 195 -13.57 10.92 -10.22
C TYR B 195 -13.31 12.41 -10.10
N TYR B 196 -13.27 13.10 -11.22
CA TYR B 196 -12.86 14.50 -11.25
C TYR B 196 -13.97 15.50 -11.64
N HIS B 197 -13.74 16.76 -11.27
CA HIS B 197 -14.59 17.91 -11.61
C HIS B 197 -15.86 18.00 -10.82
N LEU B 198 -15.85 17.43 -9.63
CA LEU B 198 -17.05 17.32 -8.80
C LEU B 198 -17.44 18.70 -8.26
N SER B 199 -18.73 18.82 -7.93
CA SER B 199 -19.25 19.97 -7.26
C SER B 199 -19.27 19.70 -5.76
N LYS B 200 -19.27 18.43 -5.35
CA LYS B 200 -19.30 18.15 -3.91
C LYS B 200 -18.60 16.83 -3.60
N ILE B 201 -17.75 16.82 -2.56
CA ILE B 201 -17.06 15.61 -2.12
C ILE B 201 -17.72 15.01 -0.87
N ASP B 202 -18.16 13.76 -0.93
CA ASP B 202 -18.92 13.15 0.17
C ASP B 202 -18.14 12.08 0.90
N VAL B 203 -16.81 12.03 0.70
CA VAL B 203 -15.93 11.08 1.39
C VAL B 203 -14.68 11.82 1.83
N LYS B 204 -13.91 11.15 2.67
CA LYS B 204 -12.66 11.67 3.15
C LYS B 204 -11.51 10.66 3.08
N VAL B 205 -10.28 11.17 2.92
CA VAL B 205 -9.09 10.31 2.82
C VAL B 205 -9.10 9.24 3.90
N GLY B 206 -8.68 8.03 3.58
CA GLY B 206 -8.63 6.96 4.55
C GLY B 206 -9.90 6.13 4.68
N GLN B 207 -11.04 6.70 4.30
CA GLN B 207 -12.33 6.04 4.41
C GLN B 207 -12.46 4.80 3.51
N LYS B 208 -12.98 3.69 4.06
CA LYS B 208 -13.28 2.49 3.26
C LYS B 208 -14.61 2.77 2.58
N ILE B 209 -14.66 2.56 1.27
CA ILE B 209 -15.89 2.76 0.50
C ILE B 209 -16.30 1.46 -0.21
N LYS B 210 -17.59 1.18 -0.24
CA LYS B 210 -18.11 0.02 -0.93
C LYS B 210 -18.50 0.44 -2.31
N LYS B 211 -18.48 -0.54 -3.21
CA LYS B 211 -19.06 -0.40 -4.53
C LYS B 211 -20.48 0.14 -4.44
N GLY B 212 -20.82 1.10 -5.28
CA GLY B 212 -22.16 1.66 -5.32
C GLY B 212 -22.49 2.66 -4.22
N GLU B 213 -21.53 2.97 -3.35
CA GLU B 213 -21.68 4.06 -2.37
C GLU B 213 -21.41 5.41 -3.03
N LEU B 214 -22.10 6.44 -2.52
CA LEU B 214 -22.07 7.77 -3.06
C LEU B 214 -20.76 8.36 -2.64
N ILE B 215 -20.02 8.91 -3.59
CA ILE B 215 -18.75 9.55 -3.25
C ILE B 215 -18.80 11.08 -3.38
N GLY B 216 -19.79 11.59 -4.12
CA GLY B 216 -19.92 13.02 -4.34
C GLY B 216 -20.92 13.34 -5.44
N LEU B 217 -20.99 14.61 -5.83
CA LEU B 217 -21.86 15.08 -6.88
C LEU B 217 -21.05 15.64 -8.01
N SER B 218 -21.50 15.35 -9.24
CA SER B 218 -20.85 15.87 -10.41
C SER B 218 -20.84 17.41 -10.36
N GLY B 219 -19.87 18.01 -11.05
CA GLY B 219 -19.82 19.46 -11.20
C GLY B 219 -19.13 19.87 -12.47
N ALA B 220 -18.48 21.02 -12.47
CA ALA B 220 -17.63 21.53 -13.54
C ALA B 220 -16.29 22.05 -12.99
N SER B 221 -15.91 21.60 -11.80
CA SER B 221 -14.83 22.25 -11.12
C SER B 221 -13.51 21.89 -11.80
N GLY B 222 -12.50 22.75 -11.67
CA GLY B 222 -11.20 22.48 -12.22
C GLY B 222 -11.09 22.74 -13.70
N ARG B 223 -10.01 22.26 -14.27
CA ARG B 223 -9.71 22.56 -15.64
C ARG B 223 -10.55 21.69 -16.56
N VAL B 224 -11.71 22.21 -16.93
CA VAL B 224 -12.70 21.52 -17.77
C VAL B 224 -13.64 22.58 -18.36
N SER B 225 -14.27 22.29 -19.49
CA SER B 225 -15.06 23.32 -20.24
C SER B 225 -16.52 23.42 -19.86
N GLY B 226 -16.98 22.57 -18.95
CA GLY B 226 -18.38 22.57 -18.57
C GLY B 226 -18.63 21.41 -17.65
N PRO B 227 -19.85 21.30 -17.14
CA PRO B 227 -20.20 20.20 -16.25
C PRO B 227 -20.17 18.85 -16.95
N ALA B 228 -19.69 17.84 -16.24
CA ALA B 228 -19.40 16.54 -16.82
C ALA B 228 -18.72 15.76 -15.71
N LEU B 229 -18.88 14.44 -15.72
CA LEU B 229 -18.10 13.61 -14.81
C LEU B 229 -16.96 13.02 -15.60
N HIS B 230 -15.75 13.17 -15.08
CA HIS B 230 -14.56 12.60 -15.70
C HIS B 230 -14.15 11.41 -14.90
N PHE B 231 -14.03 10.27 -15.59
CA PHE B 231 -13.76 8.96 -14.97
C PHE B 231 -12.47 8.41 -15.53
N GLY B 232 -11.55 8.09 -14.62
CA GLY B 232 -10.25 7.52 -15.02
C GLY B 232 -9.84 6.28 -14.23
N ILE B 233 -8.96 5.48 -14.85
CA ILE B 233 -8.39 4.29 -14.22
C ILE B 233 -6.89 4.33 -14.44
N LEU B 234 -6.16 4.25 -13.34
CA LEU B 234 -4.74 4.02 -13.38
C LEU B 234 -4.46 2.55 -13.02
N ALA B 235 -3.68 1.85 -13.83
CA ALA B 235 -3.31 0.49 -13.51
C ALA B 235 -2.03 0.09 -14.18
N GLY B 236 -1.23 -0.71 -13.50
CA GLY B 236 0.10 -1.06 -14.01
C GLY B 236 0.96 0.20 -14.14
N GLY B 237 0.73 1.15 -13.25
CA GLY B 237 1.49 2.39 -13.23
C GLY B 237 1.03 3.48 -14.16
N LYS B 238 0.08 3.21 -15.07
CA LYS B 238 -0.34 4.19 -16.08
C LYS B 238 -1.87 4.43 -16.18
N GLN B 239 -2.22 5.61 -16.67
CA GLN B 239 -3.59 5.88 -17.06
C GLN B 239 -3.93 4.98 -18.25
N VAL B 240 -5.03 4.24 -18.17
CA VAL B 240 -5.45 3.45 -19.29
C VAL B 240 -6.94 3.61 -19.56
N ASP B 241 -7.36 3.15 -20.74
CA ASP B 241 -8.75 3.21 -21.18
C ASP B 241 -9.67 2.67 -20.09
N PRO B 242 -10.44 3.55 -19.45
CA PRO B 242 -11.30 3.09 -18.35
C PRO B 242 -12.35 2.04 -18.72
N LEU B 243 -13.15 2.22 -19.76
CA LEU B 243 -14.15 1.19 -20.09
C LEU B 243 -13.54 -0.11 -20.58
N ASP B 244 -12.42 -0.02 -21.30
CA ASP B 244 -11.67 -1.22 -21.74
C ASP B 244 -11.15 -1.98 -20.51
N PHE B 245 -10.45 -1.29 -19.62
CA PHE B 245 -9.99 -1.91 -18.39
C PHE B 245 -11.13 -2.62 -17.65
N VAL B 246 -12.17 -1.89 -17.31
CA VAL B 246 -13.34 -2.43 -16.60
C VAL B 246 -13.88 -3.71 -17.24
N SER B 247 -13.85 -3.71 -18.54
CA SER B 247 -14.39 -4.80 -19.31
C SER B 247 -13.44 -6.01 -19.16
N LYS B 248 -12.14 -5.75 -19.25
CA LYS B 248 -11.15 -6.81 -19.02
C LYS B 248 -11.16 -7.32 -17.59
N PHE B 249 -11.21 -6.40 -16.65
CA PHE B 249 -11.21 -6.77 -15.24
C PHE B 249 -12.40 -7.65 -14.89
N ASN B 250 -13.57 -7.24 -15.33
CA ASN B 250 -14.79 -7.94 -15.00
C ASN B 250 -14.87 -9.31 -15.67
N ALA B 251 -14.19 -9.48 -16.80
CA ALA B 251 -14.13 -10.77 -17.42
C ALA B 251 -13.57 -11.80 -16.45
N ILE B 252 -12.57 -11.41 -15.67
CA ILE B 252 -11.89 -12.33 -14.77
C ILE B 252 -12.65 -12.42 -13.44
N PHE B 253 -13.08 -11.27 -12.92
CA PHE B 253 -13.44 -11.10 -11.49
C PHE B 253 -14.94 -11.08 -11.14
N GLN B 254 -15.82 -11.08 -12.12
CA GLN B 254 -17.25 -10.91 -11.84
C GLN B 254 -17.84 -12.06 -11.05
N LEU B 255 -18.57 -11.70 -10.00
CA LEU B 255 -19.04 -12.65 -8.97
C LEU B 255 -20.51 -12.98 -9.20
ZN ZN C . 2.57 -15.00 9.17
ZN ZN D . -12.16 14.08 -19.14
C3 HY9 E . -4.51 13.50 -15.83
C4 HY9 E . -7.07 16.18 -15.71
C5 HY9 E . -8.11 16.59 -18.17
C6 HY9 E . -3.92 16.19 -13.77
C7 HY9 E . -1.60 15.47 -13.39
C8 HY9 E . -3.30 14.03 -12.84
C9 HY9 E . -3.49 13.65 -11.39
C10 HY9 E . -3.39 13.29 -16.85
O3 HY9 E . -7.63 17.09 -15.14
N2 HY9 E . -7.28 15.90 -17.15
C11 HY9 E . -7.85 18.06 -18.26
C12 HY9 E . -9.57 16.30 -17.97
C27 HY9 E . 0.05 16.74 -15.06
C23 HY9 E . -1.05 16.88 -13.81
C24 HY9 E . -0.40 17.45 -12.83
C25 HY9 E . 0.75 18.35 -13.51
C26 HY9 E . 0.91 17.77 -14.95
O2 HY9 E . -4.84 12.57 -15.09
N1 HY9 E . -5.08 14.80 -15.79
C1 HY9 E . -5.46 15.93 -13.70
C2 HY9 E . -6.11 15.25 -14.94
N4 HY9 E . -10.53 16.49 -19.02
O4 HY9 E . -4.11 12.60 -11.05
N5 HY9 E . -2.99 15.44 -12.88
O5 HY9 E . -3.01 14.46 -10.55
O8 HY9 E . -9.95 15.86 -16.89
O9 HY9 E . -11.86 16.19 -18.77
#